data_8X6U
#
_entry.id   8X6U
#
_cell.length_a   82.914
_cell.length_b   82.914
_cell.length_c   81.646
_cell.angle_alpha   90.000
_cell.angle_beta   90.000
_cell.angle_gamma   120.000
#
_symmetry.space_group_name_H-M   'P 32 2 1'
#
loop_
_entity.id
_entity.type
_entity.pdbx_description
1 polymer EfCDA
2 non-polymer 'ZINC ION'
3 non-polymer "2',2'-Difluorodeoxyuridine"
4 water water
#
_entity_poly.entity_id   1
_entity_poly.type   'polypeptide(L)'
_entity_poly.pdbx_seq_one_letter_code
;GSMAELKQEWINTAIEALDKAYVPYSHFPVGACLVTESGKIYQGINIENASFGLTNCAERTAFFKAVSEGERSFTHLVVA
GHTPDPISPCGACRQVMAEFCAPDMPVTLVGDNGVTKATTVRELLPYAFTEKDL
;
_entity_poly.pdbx_strand_id   A,B
#
# COMPACT_ATOMS: atom_id res chain seq x y z
N SER A 2 25.64 11.71 -10.99
CA SER A 2 24.83 12.74 -11.63
C SER A 2 23.34 12.41 -11.54
N MET A 3 22.51 13.43 -11.72
CA MET A 3 21.08 13.24 -11.63
C MET A 3 20.59 12.27 -12.70
N ALA A 4 21.22 12.30 -13.87
CA ALA A 4 20.81 11.41 -14.95
C ALA A 4 21.20 9.96 -14.65
N GLU A 5 22.37 9.75 -14.03
CA GLU A 5 22.79 8.40 -13.69
C GLU A 5 21.95 7.82 -12.55
N LEU A 6 21.59 8.67 -11.57
CA LEU A 6 20.68 8.21 -10.53
C LEU A 6 19.33 7.83 -11.12
N LYS A 7 18.83 8.66 -12.04
CA LYS A 7 17.55 8.36 -12.67
C LYS A 7 17.57 7.00 -13.36
N GLN A 8 18.72 6.57 -13.87
CA GLN A 8 18.76 5.27 -14.54
C GLN A 8 18.70 4.12 -13.54
N GLU A 9 19.32 4.26 -12.36
CA GLU A 9 19.14 3.25 -11.33
C GLU A 9 17.69 3.19 -10.84
N TRP A 10 17.03 4.34 -10.73
CA TRP A 10 15.61 4.32 -10.36
C TRP A 10 14.78 3.66 -11.44
N ILE A 11 15.11 3.94 -12.70
CA ILE A 11 14.40 3.30 -13.81
C ILE A 11 14.56 1.79 -13.73
N ASN A 12 15.79 1.32 -13.48
CA ASN A 12 16.01 -0.10 -13.31
C ASN A 12 15.15 -0.68 -12.20
N THR A 13 15.05 0.04 -11.06
CA THR A 13 14.22 -0.42 -9.96
C THR A 13 12.76 -0.58 -10.38
N ALA A 14 12.24 0.40 -11.11
CA ALA A 14 10.84 0.32 -11.53
C ALA A 14 10.64 -0.80 -12.55
N ILE A 15 11.60 -0.99 -13.44
CA ILE A 15 11.47 -2.05 -14.43
C ILE A 15 11.56 -3.43 -13.77
N GLU A 16 12.46 -3.60 -12.78
CA GLU A 16 12.50 -4.88 -12.08
C GLU A 16 11.21 -5.16 -11.35
N ALA A 17 10.51 -4.12 -10.90
CA ALA A 17 9.24 -4.35 -10.22
C ALA A 17 8.21 -5.02 -11.14
N LEU A 18 8.34 -4.86 -12.46
CA LEU A 18 7.38 -5.49 -13.37
C LEU A 18 7.35 -6.99 -13.18
N ASP A 19 8.46 -7.58 -12.74
CA ASP A 19 8.56 -9.02 -12.54
C ASP A 19 8.02 -9.47 -11.19
N LYS A 20 7.72 -8.51 -10.30
CA LYS A 20 7.21 -8.82 -8.98
C LYS A 20 5.73 -8.53 -8.81
N ALA A 21 5.06 -8.06 -9.87
CA ALA A 21 3.69 -7.59 -9.74
C ALA A 21 2.74 -8.76 -9.46
N TYR A 22 1.67 -8.48 -8.73
CA TYR A 22 0.61 -9.47 -8.48
C TYR A 22 -0.57 -9.09 -9.37
N VAL A 23 -0.59 -9.64 -10.59
CA VAL A 23 -1.62 -9.29 -11.56
C VAL A 23 -2.21 -10.54 -12.19
N PRO A 24 -2.77 -11.47 -11.40
CA PRO A 24 -3.35 -12.68 -12.00
C PRO A 24 -4.61 -12.44 -12.81
N TYR A 25 -5.21 -11.25 -12.79
CA TYR A 25 -6.44 -11.01 -13.53
C TYR A 25 -6.24 -10.18 -14.79
N SER A 26 -5.50 -9.08 -14.71
CA SER A 26 -5.21 -8.30 -15.92
C SER A 26 -4.00 -8.81 -16.67
N HIS A 27 -3.06 -9.41 -15.97
CA HIS A 27 -1.77 -9.82 -16.54
C HIS A 27 -1.02 -8.62 -17.11
N PHE A 28 -1.24 -7.44 -16.51
CA PHE A 28 -0.68 -6.16 -16.94
C PHE A 28 0.12 -5.59 -15.77
N PRO A 29 1.42 -5.88 -15.68
CA PRO A 29 2.21 -5.40 -14.54
C PRO A 29 2.62 -3.95 -14.69
N VAL A 30 2.76 -3.29 -13.55
CA VAL A 30 3.23 -1.91 -13.47
C VAL A 30 4.21 -1.85 -12.31
N GLY A 31 5.31 -1.10 -12.50
CA GLY A 31 6.34 -0.99 -11.50
C GLY A 31 6.58 0.47 -11.16
N ALA A 32 7.07 0.70 -9.94
CA ALA A 32 7.30 2.07 -9.50
C ALA A 32 8.55 2.14 -8.63
N CYS A 33 9.21 3.31 -8.68
CA CYS A 33 10.36 3.59 -7.81
C CYS A 33 10.15 5.00 -7.28
N LEU A 34 9.86 5.09 -5.98
CA LEU A 34 9.61 6.36 -5.30
C LEU A 34 10.84 6.70 -4.47
N VAL A 35 11.38 7.91 -4.66
CA VAL A 35 12.68 8.28 -4.11
C VAL A 35 12.48 9.38 -3.08
N THR A 36 13.08 9.22 -1.91
CA THR A 36 12.97 10.23 -0.87
C THR A 36 14.14 11.19 -0.90
N GLU A 37 13.94 12.32 -0.21
CA GLU A 37 14.94 13.35 -0.03
C GLU A 37 16.19 12.81 0.66
N SER A 38 16.05 11.76 1.46
CA SER A 38 17.16 11.12 2.14
C SER A 38 17.86 10.07 1.28
N GLY A 39 17.43 9.86 0.03
CA GLY A 39 18.07 8.92 -0.85
C GLY A 39 17.46 7.52 -0.82
N LYS A 40 16.53 7.26 0.07
CA LYS A 40 15.98 5.91 0.17
C LYS A 40 14.97 5.69 -0.95
N ILE A 41 14.98 4.51 -1.53
CA ILE A 41 13.99 4.21 -2.57
C ILE A 41 12.97 3.20 -2.04
N TYR A 42 11.74 3.36 -2.51
CA TYR A 42 10.64 2.46 -2.22
C TYR A 42 10.12 1.94 -3.54
N GLN A 43 10.12 0.62 -3.69
CA GLN A 43 9.66 -0.03 -4.91
C GLN A 43 8.18 -0.39 -4.77
N GLY A 44 7.40 -0.10 -5.81
CA GLY A 44 5.98 -0.40 -5.80
C GLY A 44 5.62 -1.38 -6.89
N ILE A 45 4.58 -2.18 -6.64
CA ILE A 45 4.00 -3.10 -7.62
C ILE A 45 2.49 -2.92 -7.59
N ASN A 46 1.83 -3.22 -8.70
CA ASN A 46 0.37 -3.31 -8.60
C ASN A 46 -0.03 -4.66 -8.00
N ILE A 47 -1.14 -4.65 -7.25
CA ILE A 47 -1.58 -5.79 -6.46
C ILE A 47 -3.08 -5.92 -6.65
N GLU A 48 -3.51 -6.92 -7.42
CA GLU A 48 -4.92 -7.01 -7.78
C GLU A 48 -5.70 -7.82 -6.76
N ASN A 49 -7.02 -7.78 -6.91
CA ASN A 49 -7.97 -8.49 -6.06
C ASN A 49 -9.03 -9.09 -6.96
N ALA A 50 -9.56 -10.24 -6.54
CA ALA A 50 -10.63 -10.87 -7.31
C ALA A 50 -11.80 -9.92 -7.53
N SER A 51 -12.09 -9.07 -6.55
CA SER A 51 -13.00 -7.95 -6.74
C SER A 51 -12.15 -6.78 -7.26
N PHE A 52 -12.32 -6.45 -8.54
CA PHE A 52 -11.33 -5.61 -9.23
C PHE A 52 -11.11 -4.28 -8.54
N GLY A 53 -12.17 -3.70 -7.98
CA GLY A 53 -12.09 -2.37 -7.38
C GLY A 53 -11.16 -2.29 -6.18
N LEU A 54 -10.77 -3.42 -5.59
CA LEU A 54 -9.84 -3.38 -4.48
C LEU A 54 -8.37 -3.51 -4.93
N THR A 55 -8.14 -3.56 -6.22
CA THR A 55 -6.79 -3.52 -6.77
C THR A 55 -6.09 -2.25 -6.34
N ASN A 56 -4.80 -2.38 -6.02
CA ASN A 56 -3.94 -1.23 -5.72
C ASN A 56 -2.84 -1.08 -6.77
N CYS A 57 -2.68 0.13 -7.28
CA CYS A 57 -1.66 0.45 -8.29
C CYS A 57 -0.25 0.45 -7.72
N ALA A 58 0.72 0.28 -8.63
CA ALA A 58 2.14 0.28 -8.25
C ALA A 58 2.54 1.61 -7.61
N GLU A 59 2.09 2.72 -8.17
CA GLU A 59 2.46 4.03 -7.62
C GLU A 59 1.98 4.16 -6.17
N ARG A 60 0.72 3.81 -5.93
CA ARG A 60 0.20 3.90 -4.59
C ARG A 60 0.85 2.91 -3.64
N THR A 61 1.16 1.69 -4.12
CA THR A 61 1.91 0.76 -3.26
C THR A 61 3.21 1.40 -2.78
N ALA A 62 3.94 2.06 -3.67
CA ALA A 62 5.20 2.68 -3.27
C ALA A 62 4.97 3.78 -2.23
N PHE A 63 3.96 4.64 -2.44
CA PHE A 63 3.66 5.68 -1.47
C PHE A 63 3.24 5.09 -0.14
N PHE A 64 2.41 4.04 -0.16
CA PHE A 64 1.97 3.49 1.12
C PHE A 64 3.12 2.86 1.88
N LYS A 65 4.03 2.19 1.17
CA LYS A 65 5.24 1.68 1.81
C LYS A 65 6.02 2.82 2.44
N ALA A 66 6.32 3.86 1.65
CA ALA A 66 7.14 4.97 2.14
C ALA A 66 6.47 5.69 3.31
N VAL A 67 5.20 6.07 3.13
CA VAL A 67 4.54 6.85 4.16
C VAL A 67 4.42 6.05 5.45
N SER A 68 4.28 4.72 5.35
CA SER A 68 4.21 3.88 6.54
C SER A 68 5.52 3.87 7.31
N GLU A 69 6.64 4.17 6.66
CA GLU A 69 7.92 4.24 7.34
C GLU A 69 8.23 5.65 7.82
N GLY A 70 7.26 6.57 7.77
CA GLY A 70 7.48 7.93 8.21
C GLY A 70 7.95 8.90 7.15
N GLU A 71 8.08 8.47 5.89
CA GLU A 71 8.59 9.35 4.85
C GLU A 71 7.55 10.40 4.49
N ARG A 72 7.99 11.66 4.39
CA ARG A 72 7.10 12.74 3.97
C ARG A 72 7.72 13.65 2.93
N SER A 73 8.97 13.41 2.52
CA SER A 73 9.68 14.29 1.59
C SER A 73 10.18 13.48 0.42
N PHE A 74 9.56 13.65 -0.73
CA PHE A 74 9.83 12.86 -1.92
C PHE A 74 10.46 13.73 -2.99
N THR A 75 11.43 13.18 -3.72
CA THR A 75 12.15 13.96 -4.71
C THR A 75 12.00 13.44 -6.12
N HIS A 76 11.55 12.20 -6.33
CA HIS A 76 11.36 11.70 -7.68
C HIS A 76 10.43 10.48 -7.63
N LEU A 77 9.68 10.28 -8.71
CA LEU A 77 8.90 9.06 -8.89
C LEU A 77 9.12 8.56 -10.30
N VAL A 78 9.48 7.28 -10.43
CA VAL A 78 9.56 6.59 -11.71
C VAL A 78 8.45 5.55 -11.78
N VAL A 79 7.77 5.47 -12.92
CA VAL A 79 6.73 4.48 -13.15
C VAL A 79 7.05 3.78 -14.47
N ALA A 80 6.97 2.45 -14.50
CA ALA A 80 7.32 1.66 -15.67
C ALA A 80 6.22 0.68 -16.04
N GLY A 81 6.07 0.43 -17.34
CA GLY A 81 5.15 -0.59 -17.83
C GLY A 81 5.71 -1.24 -19.07
N HIS A 82 5.10 -2.39 -19.42
CA HIS A 82 5.40 -3.07 -20.68
C HIS A 82 4.50 -2.49 -21.78
N THR A 83 4.79 -1.24 -22.13
CA THR A 83 3.93 -0.44 -22.98
C THR A 83 4.76 0.18 -24.10
N PRO A 84 4.19 0.33 -25.29
CA PRO A 84 4.99 0.89 -26.40
C PRO A 84 5.34 2.35 -26.21
N ASP A 85 4.51 3.11 -25.52
CA ASP A 85 4.84 4.46 -25.10
C ASP A 85 4.99 4.46 -23.59
N PRO A 86 5.65 5.47 -23.01
CA PRO A 86 5.84 5.46 -21.55
C PRO A 86 4.50 5.32 -20.83
N ILE A 87 4.50 4.51 -19.76
CA ILE A 87 3.24 4.22 -19.07
C ILE A 87 2.67 5.47 -18.41
N SER A 88 1.34 5.54 -18.39
CA SER A 88 0.68 6.69 -17.79
C SER A 88 0.09 6.34 -16.43
N PRO A 89 0.41 7.10 -15.38
CA PRO A 89 -0.24 6.88 -14.09
C PRO A 89 -1.72 7.22 -14.16
N CYS A 90 -2.55 6.38 -13.55
CA CYS A 90 -3.98 6.68 -13.51
C CYS A 90 -4.27 7.85 -12.58
N GLY A 91 -5.49 8.39 -12.72
CA GLY A 91 -5.88 9.57 -11.97
C GLY A 91 -5.84 9.35 -10.46
N ALA A 92 -6.21 8.14 -10.00
CA ALA A 92 -6.20 7.89 -8.57
C ALA A 92 -4.78 8.03 -8.02
N CYS A 93 -3.80 7.48 -8.74
CA CYS A 93 -2.41 7.59 -8.33
C CYS A 93 -1.96 9.04 -8.35
N ARG A 94 -2.34 9.78 -9.41
CA ARG A 94 -1.99 11.20 -9.47
C ARG A 94 -2.50 11.95 -8.25
N GLN A 95 -3.65 11.56 -7.71
CA GLN A 95 -4.19 12.25 -6.53
C GLN A 95 -3.41 11.91 -5.27
N VAL A 96 -2.95 10.66 -5.15
CA VAL A 96 -2.08 10.31 -4.02
C VAL A 96 -0.74 11.03 -4.15
N MET A 97 -0.22 11.14 -5.38
CA MET A 97 1.01 11.89 -5.59
C MET A 97 0.84 13.33 -5.11
N ALA A 98 -0.30 13.93 -5.42
CA ALA A 98 -0.51 15.33 -5.03
C ALA A 98 -0.65 15.49 -3.52
N GLU A 99 -1.10 14.44 -2.82
CA GLU A 99 -1.20 14.50 -1.36
C GLU A 99 0.17 14.67 -0.71
N PHE A 100 1.20 14.03 -1.26
CA PHE A 100 2.48 13.91 -0.57
C PHE A 100 3.64 14.63 -1.24
N CYS A 101 3.49 15.11 -2.48
CA CYS A 101 4.60 15.64 -3.25
C CYS A 101 4.37 17.10 -3.60
N ALA A 102 5.49 17.80 -3.81
CA ALA A 102 5.42 19.17 -4.30
C ALA A 102 4.92 19.16 -5.74
N PRO A 103 4.18 20.20 -6.13
CA PRO A 103 3.71 20.31 -7.52
C PRO A 103 4.80 20.09 -8.54
N ASP A 104 6.00 20.61 -8.30
CA ASP A 104 7.04 20.52 -9.31
C ASP A 104 7.92 19.28 -9.15
N MET A 105 7.50 18.30 -8.36
CA MET A 105 8.35 17.13 -8.17
C MET A 105 8.40 16.33 -9.47
N PRO A 106 9.59 15.97 -9.94
CA PRO A 106 9.71 15.31 -11.24
C PRO A 106 9.20 13.89 -11.21
N VAL A 107 8.57 13.49 -12.31
CA VAL A 107 8.08 12.15 -12.52
C VAL A 107 8.62 11.65 -13.86
N THR A 108 9.24 10.48 -13.85
CA THR A 108 9.71 9.85 -15.08
C THR A 108 8.84 8.65 -15.41
N LEU A 109 8.32 8.62 -16.63
CA LEU A 109 7.48 7.52 -17.10
C LEU A 109 8.28 6.70 -18.09
N VAL A 110 8.19 5.37 -17.98
CA VAL A 110 9.01 4.45 -18.76
C VAL A 110 8.11 3.44 -19.46
N GLY A 111 8.48 3.07 -20.69
CA GLY A 111 7.82 1.99 -21.40
C GLY A 111 8.85 0.96 -21.85
N ASP A 112 8.47 0.11 -22.79
CA ASP A 112 9.40 -0.89 -23.31
C ASP A 112 10.42 -0.23 -24.24
N ASN A 113 11.56 -0.91 -24.42
CA ASN A 113 12.59 -0.48 -25.36
C ASN A 113 13.12 0.91 -25.01
N GLY A 114 13.21 1.19 -23.71
CA GLY A 114 13.84 2.39 -23.21
C GLY A 114 13.10 3.70 -23.40
N VAL A 115 11.85 3.68 -23.87
CA VAL A 115 11.16 4.95 -24.10
C VAL A 115 10.82 5.58 -22.75
N THR A 116 11.01 6.91 -22.65
CA THR A 116 10.78 7.64 -21.41
C THR A 116 10.07 8.95 -21.71
N LYS A 117 9.45 9.50 -20.67
CA LYS A 117 8.76 10.79 -20.71
C LYS A 117 8.99 11.49 -19.38
N ALA A 118 9.38 12.77 -19.43
CA ALA A 118 9.64 13.56 -18.23
C ALA A 118 8.46 14.47 -17.96
N THR A 119 7.96 14.45 -16.73
CA THR A 119 6.83 15.29 -16.38
C THR A 119 6.96 15.64 -14.89
N THR A 120 5.89 16.20 -14.31
CA THR A 120 5.87 16.58 -12.90
C THR A 120 4.50 16.26 -12.32
N VAL A 121 4.40 16.32 -10.99
CA VAL A 121 3.12 16.09 -10.31
C VAL A 121 2.07 17.08 -10.80
N ARG A 122 2.42 18.37 -10.88
CA ARG A 122 1.47 19.39 -11.34
C ARG A 122 1.03 19.16 -12.79
N GLU A 123 1.96 18.79 -13.68
CA GLU A 123 1.57 18.59 -15.07
C GLU A 123 0.60 17.42 -15.22
N LEU A 124 0.78 16.37 -14.42
CA LEU A 124 -0.11 15.21 -14.51
C LEU A 124 -1.48 15.50 -13.91
N LEU A 125 -1.58 16.43 -12.94
CA LEU A 125 -2.84 16.70 -12.26
C LEU A 125 -3.01 18.21 -12.09
N PRO A 126 -3.39 18.90 -13.15
CA PRO A 126 -3.54 20.36 -13.09
C PRO A 126 -4.69 20.73 -12.17
N TYR A 127 -4.60 21.92 -11.58
CA TYR A 127 -5.69 22.42 -10.73
C TYR A 127 -6.10 21.37 -9.69
N ALA A 128 -5.11 20.84 -8.98
CA ALA A 128 -5.34 19.66 -8.16
C ALA A 128 -6.20 19.96 -6.93
N PHE A 129 -7.12 19.04 -6.65
CA PHE A 129 -7.88 19.06 -5.41
C PHE A 129 -6.95 18.83 -4.23
N THR A 130 -7.10 19.65 -3.18
CA THR A 130 -6.30 19.54 -1.97
C THR A 130 -7.21 19.63 -0.75
N GLU A 131 -6.62 19.51 0.44
CA GLU A 131 -7.35 19.56 1.70
C GLU A 131 -7.79 20.98 2.10
N LYS A 132 -7.40 21.98 1.32
CA LYS A 132 -7.58 23.40 1.63
C LYS A 132 -8.93 23.77 2.23
N ASP A 133 -10.02 23.22 1.68
CA ASP A 133 -11.37 23.65 2.06
C ASP A 133 -12.08 22.67 2.98
N LEU A 134 -11.40 21.62 3.44
CA LEU A 134 -12.06 20.64 4.28
C LEU A 134 -12.23 21.19 5.69
N ALA B 4 -4.42 -20.64 19.36
CA ALA B 4 -3.64 -19.79 18.47
C ALA B 4 -2.52 -19.05 19.21
N GLU B 5 -1.33 -19.11 18.62
CA GLU B 5 -0.18 -18.39 19.13
C GLU B 5 -0.36 -16.88 19.01
N LEU B 6 0.06 -16.16 20.04
CA LEU B 6 0.02 -14.70 20.04
C LEU B 6 1.26 -14.17 20.74
N LYS B 7 2.13 -13.50 19.99
CA LYS B 7 3.36 -12.95 20.55
C LYS B 7 3.19 -11.47 20.89
N GLN B 8 3.79 -11.07 22.02
CA GLN B 8 3.64 -9.68 22.45
C GLN B 8 4.24 -8.72 21.42
N GLU B 9 5.30 -9.15 20.72
CA GLU B 9 5.89 -8.34 19.66
C GLU B 9 4.85 -7.93 18.62
N TRP B 10 3.93 -8.84 18.30
CA TRP B 10 2.91 -8.57 17.30
C TRP B 10 1.93 -7.52 17.80
N ILE B 11 1.47 -7.67 19.04
CA ILE B 11 0.62 -6.66 19.67
C ILE B 11 1.32 -5.31 19.70
N ASN B 12 2.58 -5.31 20.14
CA ASN B 12 3.37 -4.08 20.18
C ASN B 12 3.46 -3.44 18.80
N THR B 13 3.69 -4.25 17.76
CA THR B 13 3.79 -3.71 16.42
C THR B 13 2.52 -2.98 16.00
N ALA B 14 1.35 -3.59 16.29
CA ALA B 14 0.10 -2.95 15.88
C ALA B 14 -0.19 -1.70 16.71
N ILE B 15 0.05 -1.75 18.03
CA ILE B 15 -0.22 -0.58 18.85
C ILE B 15 0.76 0.56 18.55
N GLU B 16 2.04 0.23 18.33
CA GLU B 16 3.01 1.28 18.03
C GLU B 16 2.65 2.01 16.75
N ALA B 17 2.03 1.31 15.81
CA ALA B 17 1.60 1.92 14.55
C ALA B 17 0.58 3.04 14.76
N LEU B 18 -0.15 3.03 15.88
CA LEU B 18 -1.17 4.05 16.07
C LEU B 18 -0.54 5.44 16.08
N ASP B 19 0.64 5.56 16.66
CA ASP B 19 1.32 6.85 16.70
C ASP B 19 1.91 7.25 15.35
N LYS B 20 1.92 6.36 14.36
CA LYS B 20 2.58 6.59 13.09
C LYS B 20 1.61 6.83 11.94
N ALA B 21 0.31 6.78 12.20
CA ALA B 21 -0.68 6.82 11.11
C ALA B 21 -0.72 8.19 10.46
N TYR B 22 -1.14 8.21 9.19
CA TYR B 22 -1.31 9.46 8.47
C TYR B 22 -2.82 9.70 8.40
N VAL B 23 -3.32 10.45 9.40
CA VAL B 23 -4.76 10.62 9.58
C VAL B 23 -5.09 12.09 9.85
N PRO B 24 -4.66 13.01 8.98
CA PRO B 24 -4.97 14.43 9.23
C PRO B 24 -6.45 14.76 9.15
N TYR B 25 -7.27 13.90 8.57
CA TYR B 25 -8.69 14.21 8.41
C TYR B 25 -9.56 13.58 9.48
N SER B 26 -9.37 12.30 9.81
CA SER B 26 -10.18 11.67 10.84
C SER B 26 -9.56 11.76 12.23
N HIS B 27 -8.25 11.93 12.32
CA HIS B 27 -7.52 11.72 13.58
C HIS B 27 -7.91 10.39 14.23
N PHE B 28 -8.14 9.36 13.41
CA PHE B 28 -8.57 8.04 13.87
C PHE B 28 -7.53 7.02 13.40
N PRO B 29 -6.48 6.79 14.18
CA PRO B 29 -5.41 5.89 13.76
C PRO B 29 -5.79 4.43 13.88
N VAL B 30 -5.29 3.64 12.93
CA VAL B 30 -5.43 2.19 12.97
C VAL B 30 -4.07 1.59 12.69
N GLY B 31 -3.73 0.53 13.41
CA GLY B 31 -2.43 -0.11 13.29
C GLY B 31 -2.60 -1.58 12.97
N ALA B 32 -1.63 -2.13 12.24
CA ALA B 32 -1.67 -3.54 11.89
C ALA B 32 -0.29 -4.17 11.98
N CYS B 33 -0.27 -5.46 12.33
CA CYS B 33 0.93 -6.30 12.28
C CYS B 33 0.57 -7.56 11.51
N LEU B 34 1.19 -7.73 10.35
CA LEU B 34 1.00 -8.91 9.52
C LEU B 34 2.24 -9.80 9.63
N VAL B 35 2.03 -11.07 10.00
CA VAL B 35 3.12 -12.00 10.29
C VAL B 35 3.20 -13.05 9.19
N THR B 36 4.42 -13.34 8.73
CA THR B 36 4.65 -14.38 7.74
C THR B 36 5.04 -15.70 8.42
N GLU B 37 5.09 -16.76 7.61
CA GLU B 37 5.48 -18.07 8.14
C GLU B 37 6.90 -18.06 8.69
N SER B 38 7.80 -17.29 8.07
CA SER B 38 9.17 -17.18 8.55
C SER B 38 9.29 -16.35 9.82
N GLY B 39 8.21 -15.73 10.28
CA GLY B 39 8.24 -14.87 11.44
C GLY B 39 8.47 -13.41 11.14
N LYS B 40 8.75 -13.07 9.89
CA LYS B 40 8.92 -11.66 9.51
C LYS B 40 7.60 -10.93 9.69
N ILE B 41 7.69 -9.71 10.24
CA ILE B 41 6.50 -8.93 10.55
C ILE B 41 6.47 -7.70 9.65
N TYR B 42 5.25 -7.31 9.27
CA TYR B 42 5.00 -6.14 8.44
C TYR B 42 4.00 -5.24 9.15
N GLN B 43 4.39 -4.00 9.41
CA GLN B 43 3.55 -3.03 10.11
C GLN B 43 2.72 -2.23 9.11
N GLY B 44 1.45 -2.03 9.42
CA GLY B 44 0.55 -1.23 8.59
C GLY B 44 0.01 -0.04 9.37
N ILE B 45 -0.24 1.07 8.64
CA ILE B 45 -0.92 2.25 9.17
C ILE B 45 -2.00 2.62 8.18
N ASN B 46 -3.07 3.29 8.64
CA ASN B 46 -3.98 3.89 7.67
C ASN B 46 -3.39 5.19 7.13
N ILE B 47 -3.67 5.46 5.86
CA ILE B 47 -3.08 6.58 5.14
C ILE B 47 -4.21 7.30 4.40
N GLU B 48 -4.62 8.46 4.89
CA GLU B 48 -5.80 9.11 4.33
C GLU B 48 -5.41 9.98 3.14
N ASN B 49 -6.44 10.46 2.43
CA ASN B 49 -6.29 11.35 1.28
C ASN B 49 -7.37 12.42 1.37
N ALA B 50 -7.02 13.63 0.91
CA ALA B 50 -8.00 14.72 0.90
C ALA B 50 -9.29 14.31 0.20
N SER B 51 -9.18 13.49 -0.84
CA SER B 51 -10.34 12.81 -1.42
C SER B 51 -10.50 11.52 -0.63
N PHE B 52 -11.52 11.46 0.25
CA PHE B 52 -11.58 10.42 1.27
C PHE B 52 -11.52 9.03 0.66
N GLY B 53 -12.14 8.84 -0.51
CA GLY B 53 -12.21 7.53 -1.13
C GLY B 53 -10.89 6.96 -1.61
N LEU B 54 -9.81 7.73 -1.54
CA LEU B 54 -8.50 7.20 -1.84
C LEU B 54 -7.73 6.82 -0.57
N THR B 55 -8.36 6.94 0.60
CA THR B 55 -7.76 6.46 1.85
C THR B 55 -7.46 4.96 1.79
N ASN B 56 -6.33 4.56 2.37
CA ASN B 56 -5.97 3.15 2.50
C ASN B 56 -5.92 2.75 3.97
N CYS B 57 -6.52 1.60 4.28
CA CYS B 57 -6.58 1.08 5.65
C CYS B 57 -5.24 0.51 6.10
N ALA B 58 -5.07 0.48 7.42
CA ALA B 58 -3.85 -0.12 7.98
C ALA B 58 -3.67 -1.57 7.57
N GLU B 59 -4.75 -2.37 7.62
CA GLU B 59 -4.65 -3.76 7.24
C GLU B 59 -4.15 -3.91 5.82
N ARG B 60 -4.72 -3.14 4.88
CA ARG B 60 -4.28 -3.24 3.49
C ARG B 60 -2.87 -2.71 3.29
N THR B 61 -2.47 -1.67 4.05
CA THR B 61 -1.09 -1.20 3.95
C THR B 61 -0.12 -2.31 4.31
N ALA B 62 -0.42 -3.06 5.36
CA ALA B 62 0.45 -4.16 5.77
C ALA B 62 0.53 -5.21 4.68
N PHE B 63 -0.62 -5.60 4.09
CA PHE B 63 -0.60 -6.57 3.01
C PHE B 63 0.16 -6.06 1.80
N PHE B 64 -0.05 -4.79 1.43
CA PHE B 64 0.64 -4.29 0.24
C PHE B 64 2.15 -4.27 0.46
N LYS B 65 2.59 -3.92 1.67
CA LYS B 65 4.02 -3.98 1.97
C LYS B 65 4.54 -5.41 1.83
N ALA B 66 3.91 -6.37 2.52
CA ALA B 66 4.39 -7.74 2.50
C ALA B 66 4.36 -8.31 1.08
N VAL B 67 3.26 -8.12 0.37
CA VAL B 67 3.15 -8.72 -0.96
C VAL B 67 4.18 -8.12 -1.90
N SER B 68 4.50 -6.82 -1.75
CA SER B 68 5.50 -6.21 -2.59
C SER B 68 6.89 -6.77 -2.34
N GLU B 69 7.14 -7.32 -1.16
CA GLU B 69 8.43 -7.95 -0.89
C GLU B 69 8.42 -9.42 -1.24
N GLY B 70 7.37 -9.91 -1.89
CA GLY B 70 7.29 -11.29 -2.33
C GLY B 70 6.70 -12.25 -1.33
N GLU B 71 6.17 -11.76 -0.21
CA GLU B 71 5.61 -12.65 0.81
C GLU B 71 4.29 -13.22 0.31
N ARG B 72 4.10 -14.53 0.48
CA ARG B 72 2.82 -15.14 0.12
C ARG B 72 2.28 -16.10 1.17
N SER B 73 2.98 -16.27 2.30
CA SER B 73 2.53 -17.22 3.33
C SER B 73 2.37 -16.46 4.64
N PHE B 74 1.13 -16.21 5.03
CA PHE B 74 0.84 -15.43 6.22
C PHE B 74 0.25 -16.31 7.31
N THR B 75 0.62 -16.03 8.55
CA THR B 75 0.21 -16.86 9.68
C THR B 75 -0.60 -16.11 10.74
N HIS B 76 -0.61 -14.78 10.72
CA HIS B 76 -1.35 -14.05 11.75
C HIS B 76 -1.48 -12.60 11.32
N LEU B 77 -2.60 -11.99 11.71
CA LEU B 77 -2.80 -10.55 11.54
C LEU B 77 -3.31 -9.98 12.86
N VAL B 78 -2.63 -8.99 13.39
CA VAL B 78 -3.10 -8.21 14.53
C VAL B 78 -3.52 -6.83 14.03
N VAL B 79 -4.68 -6.36 14.47
CA VAL B 79 -5.18 -5.04 14.14
C VAL B 79 -5.52 -4.33 15.45
N ALA B 80 -5.08 -3.08 15.59
CA ALA B 80 -5.31 -2.32 16.81
C ALA B 80 -5.93 -0.96 16.51
N GLY B 81 -6.80 -0.50 17.42
CA GLY B 81 -7.31 0.86 17.36
C GLY B 81 -7.43 1.46 18.76
N HIS B 82 -7.61 2.78 18.81
CA HIS B 82 -7.94 3.47 20.07
C HIS B 82 -9.46 3.43 20.26
N THR B 83 -9.96 2.23 20.49
CA THR B 83 -11.39 1.95 20.53
C THR B 83 -11.76 1.20 21.81
N PRO B 84 -12.97 1.44 22.33
CA PRO B 84 -13.36 0.78 23.60
C PRO B 84 -13.49 -0.73 23.49
N ASP B 85 -13.98 -1.23 22.36
CA ASP B 85 -13.96 -2.64 22.04
C ASP B 85 -12.91 -2.90 20.96
N PRO B 86 -12.48 -4.15 20.78
CA PRO B 86 -11.47 -4.45 19.76
C PRO B 86 -11.90 -3.91 18.40
N ILE B 87 -10.96 -3.27 17.71
CA ILE B 87 -11.30 -2.65 16.44
C ILE B 87 -11.69 -3.71 15.41
N SER B 88 -12.62 -3.34 14.52
CA SER B 88 -13.15 -4.21 13.51
C SER B 88 -12.54 -3.87 12.17
N PRO B 89 -11.99 -4.85 11.44
CA PRO B 89 -11.56 -4.57 10.06
C PRO B 89 -12.76 -4.30 9.17
N CYS B 90 -12.63 -3.31 8.30
CA CYS B 90 -13.71 -3.06 7.35
C CYS B 90 -13.79 -4.15 6.30
N GLY B 91 -14.90 -4.16 5.55
CA GLY B 91 -15.14 -5.22 4.58
C GLY B 91 -14.13 -5.25 3.46
N ALA B 92 -13.64 -4.07 3.03
CA ALA B 92 -12.63 -4.06 1.99
C ALA B 92 -11.37 -4.78 2.45
N CYS B 93 -10.94 -4.52 3.69
CA CYS B 93 -9.77 -5.20 4.24
C CYS B 93 -10.01 -6.70 4.34
N ARG B 94 -11.19 -7.10 4.76
CA ARG B 94 -11.48 -8.53 4.85
C ARG B 94 -11.37 -9.22 3.50
N GLN B 95 -11.71 -8.52 2.41
CA GLN B 95 -11.60 -9.09 1.07
C GLN B 95 -10.14 -9.22 0.62
N VAL B 96 -9.31 -8.24 0.97
CA VAL B 96 -7.88 -8.37 0.70
C VAL B 96 -7.28 -9.50 1.54
N MET B 97 -7.66 -9.61 2.82
CA MET B 97 -7.21 -10.75 3.61
C MET B 97 -7.59 -12.08 2.97
N ALA B 98 -8.81 -12.18 2.42
CA ALA B 98 -9.21 -13.43 1.79
C ALA B 98 -8.41 -13.72 0.52
N GLU B 99 -7.93 -12.68 -0.17
CA GLU B 99 -7.10 -12.89 -1.35
C GLU B 99 -5.81 -13.62 -0.99
N PHE B 100 -5.23 -13.33 0.16
CA PHE B 100 -3.87 -13.77 0.44
C PHE B 100 -3.74 -14.74 1.59
N CYS B 101 -4.80 -15.00 2.34
CA CYS B 101 -4.70 -15.81 3.55
C CYS B 101 -5.60 -17.03 3.47
N ALA B 102 -5.21 -18.08 4.20
CA ALA B 102 -6.06 -19.24 4.39
C ALA B 102 -7.32 -18.86 5.17
N PRO B 103 -8.46 -19.51 4.87
CA PRO B 103 -9.68 -19.22 5.63
C PRO B 103 -9.47 -19.27 7.14
N ASP B 104 -8.66 -20.21 7.62
CA ASP B 104 -8.51 -20.42 9.06
C ASP B 104 -7.38 -19.61 9.68
N MET B 105 -6.77 -18.69 8.93
CA MET B 105 -5.62 -17.99 9.50
C MET B 105 -6.11 -17.08 10.64
N PRO B 106 -5.46 -17.14 11.82
CA PRO B 106 -5.94 -16.38 12.98
C PRO B 106 -5.75 -14.87 12.83
N VAL B 107 -6.73 -14.16 13.39
CA VAL B 107 -6.74 -12.69 13.42
C VAL B 107 -6.99 -12.27 14.87
N THR B 108 -6.16 -11.37 15.38
CA THR B 108 -6.32 -10.79 16.70
C THR B 108 -6.64 -9.30 16.59
N LEU B 109 -7.77 -8.91 17.16
CA LEU B 109 -8.25 -7.54 17.16
C LEU B 109 -8.05 -6.92 18.54
N VAL B 110 -7.54 -5.70 18.59
CA VAL B 110 -7.14 -5.05 19.82
C VAL B 110 -7.78 -3.67 19.93
N GLY B 111 -8.20 -3.32 21.14
CA GLY B 111 -8.67 -1.97 21.42
C GLY B 111 -7.86 -1.34 22.54
N ASP B 112 -8.40 -0.29 23.15
CA ASP B 112 -7.71 0.37 24.24
C ASP B 112 -7.80 -0.48 25.50
N ASN B 113 -6.85 -0.24 26.42
CA ASN B 113 -6.86 -0.89 27.74
C ASN B 113 -6.91 -2.41 27.62
N GLY B 114 -6.21 -2.96 26.62
CA GLY B 114 -5.97 -4.38 26.53
C GLY B 114 -7.13 -5.26 26.13
N VAL B 115 -8.25 -4.71 25.68
CA VAL B 115 -9.33 -5.58 25.20
C VAL B 115 -8.90 -6.21 23.88
N THR B 116 -9.19 -7.51 23.72
CA THR B 116 -8.81 -8.25 22.52
C THR B 116 -9.95 -9.17 22.10
N LYS B 117 -9.90 -9.61 20.84
CA LYS B 117 -10.88 -10.55 20.31
C LYS B 117 -10.17 -11.41 19.26
N ALA B 118 -10.32 -12.71 19.38
CA ALA B 118 -9.70 -13.67 18.48
C ALA B 118 -10.72 -14.11 17.43
N THR B 119 -10.29 -14.13 16.17
CA THR B 119 -11.15 -14.56 15.08
C THR B 119 -10.26 -15.11 13.98
N THR B 120 -10.84 -15.33 12.80
CA THR B 120 -10.12 -15.86 11.64
C THR B 120 -10.61 -15.14 10.39
N VAL B 121 -9.87 -15.31 9.31
CA VAL B 121 -10.25 -14.74 8.01
C VAL B 121 -11.65 -15.18 7.61
N ARG B 122 -11.95 -16.48 7.74
CA ARG B 122 -13.25 -17.00 7.29
C ARG B 122 -14.40 -16.51 8.16
N GLU B 123 -14.20 -16.40 9.48
CA GLU B 123 -15.28 -15.89 10.32
C GLU B 123 -15.57 -14.43 10.03
N LEU B 124 -14.56 -13.65 9.67
CA LEU B 124 -14.81 -12.25 9.37
C LEU B 124 -15.48 -12.07 8.00
N LEU B 125 -15.26 -13.00 7.07
CA LEU B 125 -15.81 -12.89 5.71
C LEU B 125 -16.38 -14.23 5.28
N PRO B 126 -17.56 -14.58 5.79
CA PRO B 126 -18.21 -15.85 5.40
C PRO B 126 -18.56 -15.85 3.93
N TYR B 127 -18.60 -17.05 3.34
CA TYR B 127 -19.01 -17.25 1.95
C TYR B 127 -18.26 -16.29 1.04
N ALA B 128 -16.94 -16.26 1.20
CA ALA B 128 -16.11 -15.22 0.57
C ALA B 128 -16.15 -15.32 -0.95
N PHE B 129 -16.26 -14.16 -1.60
CA PHE B 129 -16.08 -14.06 -3.04
C PHE B 129 -14.63 -14.36 -3.42
N THR B 130 -14.44 -15.19 -4.45
CA THR B 130 -13.11 -15.55 -4.95
C THR B 130 -13.07 -15.39 -6.46
N GLU B 131 -11.90 -15.68 -7.05
CA GLU B 131 -11.72 -15.53 -8.49
C GLU B 131 -12.23 -16.71 -9.30
N LYS B 132 -12.86 -17.70 -8.65
CA LYS B 132 -13.01 -19.01 -9.30
C LYS B 132 -13.83 -18.95 -10.60
N ASP B 133 -14.77 -18.02 -10.72
CA ASP B 133 -15.65 -17.97 -11.88
C ASP B 133 -15.27 -16.90 -12.91
N LEU B 134 -14.15 -16.22 -12.71
CA LEU B 134 -13.76 -15.15 -13.63
C LEU B 134 -13.41 -15.69 -15.01
#